data_4R9V
#
_entry.id   4R9V
#
_cell.length_a   95.444
_cell.length_b   56.523
_cell.length_c   87.375
_cell.angle_alpha   90.00
_cell.angle_beta   119.95
_cell.angle_gamma   90.00
#
_symmetry.space_group_name_H-M   'C 1 2 1'
#
loop_
_entity.id
_entity.type
_entity.pdbx_description
1 polymer 'Sialyltransferase 0160'
2 non-polymer 'CALCIUM ION'
3 water water
#
_entity_poly.entity_id   1
_entity_poly.type   'polypeptide(L)'
_entity_poly.pdbx_seq_one_letter_code
;MGSSHHHHHHSSGLVPRGSHMTLEVYIDHASLPSLQQLIHIIQAKDEYPSNQRFVSWKRVTVDADNANKLNIHTYPLKGN
NTSPEMVAAIDEYAQSKNRLNIEFYTNTAHVFNNLPPIIQPLYNNEKVKISHISLYDDGSSEYVSLYQWKDTPNKIETLE
GEVSLLANYLAGTSPDAPKGMGNRYNWHKLYDTDYYFLREDYLDVEANLHDLRDYLGSSAKQMPWDEFAKLSDSQQTLFL
DIVGFDKEQLQQQYSQSPLPNFIFTGTTTWAGGETKEYYAQQQVNVINNAINETSPYYLGKDYDLFFKGHPAGGVINDII
LGSFPDMINIPAKISFEVLMMTDMLPDTVAGIASSLYFTIPADKVNFIVFTSSDTITDREEALKSPLVQVMLTLGIVKEK
DVLFWA
;
_entity_poly.pdbx_strand_id   A
#
# COMPACT_ATOMS: atom_id res chain seq x y z
N MET A 21 20.23 -17.66 15.45
CA MET A 21 19.09 -17.71 14.56
C MET A 21 18.79 -16.35 13.96
N THR A 22 17.87 -16.34 13.01
CA THR A 22 17.32 -15.11 12.48
C THR A 22 15.79 -15.14 12.57
N LEU A 23 15.22 -14.09 13.17
CA LEU A 23 13.77 -13.92 13.27
C LEU A 23 13.31 -12.83 12.33
N GLU A 24 12.32 -13.16 11.50
CA GLU A 24 11.78 -12.20 10.55
C GLU A 24 10.44 -11.67 11.07
N VAL A 25 10.35 -10.34 11.18
CA VAL A 25 9.17 -9.71 11.74
C VAL A 25 8.45 -8.87 10.67
N TYR A 26 7.16 -9.15 10.46
CA TYR A 26 6.35 -8.50 9.43
C TYR A 26 5.18 -7.76 10.05
N ILE A 27 5.11 -6.45 9.83
CA ILE A 27 4.03 -5.64 10.38
C ILE A 27 3.42 -4.76 9.30
N ASP A 28 2.12 -4.90 9.10
CA ASP A 28 1.41 -4.04 8.15
C ASP A 28 -0.10 -4.16 8.27
N HIS A 29 -0.78 -3.02 8.29
CA HIS A 29 -2.24 -2.93 8.26
C HIS A 29 -2.76 -2.71 6.83
N ALA A 30 -1.92 -2.24 5.92
CA ALA A 30 -2.42 -1.86 4.60
C ALA A 30 -2.33 -3.04 3.60
N SER A 31 -2.02 -2.76 2.33
CA SER A 31 -2.08 -3.80 1.29
C SER A 31 -0.76 -4.05 0.58
N LEU A 32 -0.16 -2.98 0.08
CA LEU A 32 1.03 -3.09 -0.74
C LEU A 32 2.27 -3.63 0.01
N PRO A 33 2.59 -3.12 1.23
CA PRO A 33 3.77 -3.71 1.89
C PRO A 33 3.56 -5.19 2.20
N SER A 34 2.36 -5.54 2.63
CA SER A 34 1.98 -6.93 2.87
C SER A 34 2.15 -7.82 1.64
N LEU A 35 1.74 -7.35 0.46
CA LEU A 35 1.82 -8.19 -0.73
C LEU A 35 3.28 -8.43 -1.15
N GLN A 36 4.04 -7.34 -1.16
CA GLN A 36 5.48 -7.38 -1.40
C GLN A 36 6.17 -8.28 -0.38
N GLN A 37 5.73 -8.20 0.87
CA GLN A 37 6.29 -9.03 1.93
C GLN A 37 5.96 -10.51 1.73
N LEU A 38 4.71 -10.82 1.39
CA LEU A 38 4.27 -12.18 1.16
C LEU A 38 5.10 -12.84 0.07
N ILE A 39 5.47 -12.06 -0.94
CA ILE A 39 6.33 -12.55 -2.01
C ILE A 39 7.66 -12.94 -1.41
N HIS A 40 8.21 -12.06 -0.58
CA HIS A 40 9.52 -12.25 0.03
C HIS A 40 9.54 -13.51 0.91
N ILE A 41 8.48 -13.69 1.69
CA ILE A 41 8.36 -14.84 2.59
C ILE A 41 8.33 -16.18 1.88
N ILE A 42 7.63 -16.24 0.75
CA ILE A 42 7.54 -17.48 -0.01
C ILE A 42 8.94 -17.81 -0.56
N GLN A 43 9.65 -16.80 -1.06
CA GLN A 43 11.04 -16.98 -1.46
C GLN A 43 11.95 -17.40 -0.29
N ALA A 44 11.75 -16.78 0.88
CA ALA A 44 12.68 -16.92 1.99
C ALA A 44 12.51 -18.25 2.68
N LYS A 45 11.30 -18.79 2.59
CA LYS A 45 10.96 -20.10 3.15
C LYS A 45 11.86 -21.17 2.54
N ASP A 46 12.23 -20.96 1.28
CA ASP A 46 13.08 -21.90 0.56
C ASP A 46 14.57 -21.61 0.75
N GLU A 47 14.92 -20.33 0.92
CA GLU A 47 16.32 -20.01 1.10
C GLU A 47 16.71 -20.12 2.57
N TYR A 48 15.79 -19.84 3.49
CA TYR A 48 16.12 -19.91 4.90
C TYR A 48 15.07 -20.75 5.66
N PRO A 49 15.08 -22.07 5.45
CA PRO A 49 14.08 -23.00 5.98
C PRO A 49 14.02 -23.05 7.51
N SER A 50 15.10 -22.65 8.17
CA SER A 50 15.18 -22.72 9.62
C SER A 50 14.80 -21.40 10.28
N ASN A 51 14.41 -20.43 9.45
CA ASN A 51 14.02 -19.12 9.97
C ASN A 51 12.61 -19.08 10.50
N GLN A 52 12.43 -18.25 11.52
CA GLN A 52 11.13 -18.12 12.11
C GLN A 52 10.51 -16.79 11.72
N ARG A 53 9.22 -16.79 11.44
CA ARG A 53 8.57 -15.58 10.93
C ARG A 53 7.40 -15.23 11.80
N PHE A 54 7.33 -13.96 12.22
CA PHE A 54 6.18 -13.43 12.93
C PHE A 54 5.46 -12.48 11.99
N VAL A 55 4.15 -12.62 11.86
CA VAL A 55 3.43 -11.76 10.92
C VAL A 55 2.23 -11.07 11.55
N SER A 56 2.18 -9.75 11.45
CA SER A 56 1.01 -9.01 11.89
C SER A 56 0.50 -8.23 10.70
N TRP A 57 -0.50 -8.79 10.02
CA TRP A 57 -1.16 -8.16 8.90
C TRP A 57 -2.64 -8.00 9.19
N LYS A 58 -3.30 -7.11 8.46
CA LYS A 58 -4.73 -6.92 8.63
C LYS A 58 -5.49 -7.18 7.34
N ARG A 59 -5.09 -6.52 6.25
CA ARG A 59 -5.78 -6.65 4.95
C ARG A 59 -5.54 -8.00 4.30
N VAL A 60 -4.40 -8.62 4.61
CA VAL A 60 -4.09 -9.97 4.14
C VAL A 60 -4.12 -10.95 5.30
N THR A 61 -4.79 -12.07 5.13
CA THR A 61 -4.95 -13.01 6.24
C THR A 61 -4.35 -14.38 5.92
N VAL A 62 -3.35 -14.76 6.71
CA VAL A 62 -2.72 -16.08 6.61
C VAL A 62 -3.40 -17.04 7.58
N ASP A 63 -4.11 -18.03 7.06
CA ASP A 63 -4.76 -19.06 7.88
C ASP A 63 -3.75 -20.02 8.48
N ALA A 64 -4.17 -20.78 9.49
CA ALA A 64 -3.29 -21.75 10.14
C ALA A 64 -2.72 -22.70 9.10
N ASP A 65 -3.55 -23.06 8.14
CA ASP A 65 -3.16 -23.86 6.98
C ASP A 65 -1.86 -23.38 6.32
N ASN A 66 -1.88 -22.16 5.79
CA ASN A 66 -0.73 -21.68 5.03
C ASN A 66 0.37 -21.14 5.94
N ALA A 67 0.01 -20.82 7.18
CA ALA A 67 0.97 -20.40 8.18
C ALA A 67 1.96 -21.54 8.49
N ASN A 68 1.44 -22.76 8.67
CA ASN A 68 2.29 -23.94 8.88
C ASN A 68 3.27 -24.17 7.74
N LYS A 69 2.88 -23.76 6.54
CA LYS A 69 3.67 -23.98 5.34
C LYS A 69 4.76 -22.93 5.09
N LEU A 70 4.66 -21.77 5.75
CA LEU A 70 5.66 -20.73 5.56
C LEU A 70 6.40 -20.44 6.86
N ASN A 71 6.26 -21.35 7.82
CA ASN A 71 6.78 -21.17 9.18
C ASN A 71 6.39 -19.83 9.77
N ILE A 72 5.12 -19.46 9.58
CA ILE A 72 4.60 -18.18 10.07
C ILE A 72 3.90 -18.33 11.42
N HIS A 73 4.14 -17.39 12.32
CA HIS A 73 3.38 -17.30 13.56
C HIS A 73 2.67 -15.94 13.55
N THR A 74 1.35 -15.96 13.55
CA THR A 74 0.60 -14.72 13.42
C THR A 74 0.27 -14.12 14.76
N TYR A 75 0.37 -12.80 14.85
CA TYR A 75 -0.07 -12.07 16.02
C TYR A 75 -1.03 -10.96 15.60
N PRO A 76 -1.92 -10.56 16.51
CA PRO A 76 -2.84 -9.49 16.14
C PRO A 76 -2.16 -8.12 16.10
N LEU A 77 -2.84 -7.13 15.53
CA LEU A 77 -2.39 -5.74 15.56
C LEU A 77 -3.24 -4.97 16.56
N LYS A 78 -2.67 -3.95 17.20
CA LYS A 78 -3.44 -3.02 18.04
C LYS A 78 -3.84 -1.79 17.24
N GLY A 79 -5.06 -1.81 16.70
CA GLY A 79 -5.43 -0.87 15.66
C GLY A 79 -4.64 -1.27 14.42
N ASN A 80 -3.79 -0.37 13.93
CA ASN A 80 -2.94 -0.62 12.77
C ASN A 80 -1.54 -1.07 13.11
N ASN A 81 -1.16 -0.93 14.37
CA ASN A 81 0.24 -1.00 14.69
C ASN A 81 0.59 -2.14 15.62
N THR A 82 1.89 -2.33 15.81
CA THR A 82 2.44 -3.43 16.60
C THR A 82 1.68 -3.62 17.92
N SER A 83 1.38 -4.87 18.25
CA SER A 83 0.64 -5.17 19.47
C SER A 83 1.57 -5.62 20.57
N PRO A 84 1.13 -5.48 21.84
CA PRO A 84 1.89 -6.06 22.96
C PRO A 84 2.09 -7.57 22.79
N GLU A 85 1.19 -8.24 22.09
CA GLU A 85 1.32 -9.70 21.91
C GLU A 85 2.56 -9.98 21.09
N MET A 86 2.77 -9.21 20.03
CA MET A 86 3.92 -9.42 19.17
C MET A 86 5.18 -9.09 19.92
N VAL A 87 5.12 -8.03 20.70
CA VAL A 87 6.28 -7.57 21.46
C VAL A 87 6.69 -8.63 22.48
N ALA A 88 5.77 -9.02 23.36
CA ALA A 88 6.02 -10.05 24.36
C ALA A 88 6.52 -11.36 23.77
N ALA A 89 6.01 -11.71 22.59
CA ALA A 89 6.47 -12.93 21.92
C ALA A 89 7.90 -12.79 21.33
N ILE A 90 8.27 -11.60 20.89
CA ILE A 90 9.61 -11.35 20.37
C ILE A 90 10.63 -11.33 21.52
N ASP A 91 10.21 -10.76 22.64
CA ASP A 91 11.02 -10.77 23.86
C ASP A 91 11.20 -12.21 24.34
N GLU A 92 10.13 -12.99 24.30
CA GLU A 92 10.18 -14.36 24.77
C GLU A 92 11.11 -15.16 23.86
N TYR A 93 11.00 -14.92 22.56
CA TYR A 93 11.82 -15.65 21.61
C TYR A 93 13.29 -15.27 21.75
N ALA A 94 13.54 -14.04 22.19
CA ALA A 94 14.90 -13.51 22.29
C ALA A 94 15.64 -14.11 23.47
N GLN A 95 15.10 -13.92 24.68
CA GLN A 95 15.80 -14.29 25.91
C GLN A 95 16.18 -15.78 25.94
N SER A 96 15.58 -16.57 25.05
CA SER A 96 15.91 -17.98 24.94
C SER A 96 17.24 -18.20 24.23
N LYS A 97 17.35 -17.69 23.01
CA LYS A 97 18.52 -17.91 22.15
C LYS A 97 19.83 -17.37 22.73
N ASN A 98 20.95 -17.92 22.27
CA ASN A 98 22.27 -17.43 22.66
C ASN A 98 22.61 -16.15 21.90
N ARG A 99 21.94 -15.95 20.77
CA ARG A 99 22.26 -14.90 19.81
C ARG A 99 21.17 -14.77 18.77
N LEU A 100 20.73 -13.54 18.48
CA LEU A 100 19.58 -13.34 17.61
C LEU A 100 19.72 -12.20 16.60
N ASN A 101 19.52 -12.50 15.31
CA ASN A 101 19.42 -11.44 14.32
C ASN A 101 17.95 -11.21 14.01
N ILE A 102 17.54 -9.95 14.04
CA ILE A 102 16.15 -9.64 13.72
C ILE A 102 16.06 -8.83 12.44
N GLU A 103 15.19 -9.26 11.54
CA GLU A 103 14.93 -8.53 10.29
C GLU A 103 13.53 -7.96 10.34
N PHE A 104 13.39 -6.64 10.18
CA PHE A 104 12.07 -6.01 10.19
C PHE A 104 11.56 -5.75 8.79
N TYR A 105 10.25 -5.88 8.61
CA TYR A 105 9.57 -5.59 7.36
C TYR A 105 8.27 -4.84 7.68
N THR A 106 8.13 -3.63 7.17
CA THR A 106 6.97 -2.86 7.55
C THR A 106 6.63 -1.78 6.54
N ASN A 107 5.62 -1.03 6.92
CA ASN A 107 4.95 -0.01 6.13
C ASN A 107 5.64 1.32 6.37
N THR A 108 6.06 2.01 5.31
CA THR A 108 6.92 3.20 5.49
C THR A 108 6.25 4.31 6.29
N ALA A 109 5.03 4.70 5.94
CA ALA A 109 4.34 5.77 6.66
C ALA A 109 4.17 5.47 8.15
N HIS A 110 4.01 4.19 8.48
CA HIS A 110 3.77 3.79 9.87
C HIS A 110 5.01 3.23 10.54
N VAL A 111 6.17 3.40 9.91
CA VAL A 111 7.38 2.82 10.47
C VAL A 111 7.60 3.22 11.94
N PHE A 112 7.30 4.47 12.30
CA PHE A 112 7.62 4.97 13.64
C PHE A 112 6.62 4.42 14.66
N ASN A 113 5.46 4.00 14.18
CA ASN A 113 4.44 3.43 15.05
C ASN A 113 4.75 1.97 15.35
N ASN A 114 5.47 1.31 14.44
CA ASN A 114 5.60 -0.14 14.45
C ASN A 114 6.89 -0.67 15.05
N LEU A 115 8.03 -0.05 14.75
CA LEU A 115 9.34 -0.59 15.13
C LEU A 115 9.84 -0.27 16.55
N PRO A 116 9.75 1.00 17.00
CA PRO A 116 10.21 1.28 18.37
C PRO A 116 9.58 0.45 19.52
N PRO A 117 8.26 0.14 19.48
CA PRO A 117 7.73 -0.73 20.54
C PRO A 117 8.51 -2.04 20.65
N ILE A 118 9.06 -2.50 19.55
CA ILE A 118 9.93 -3.67 19.54
C ILE A 118 11.39 -3.31 19.83
N ILE A 119 11.93 -2.28 19.19
CA ILE A 119 13.35 -1.95 19.37
C ILE A 119 13.72 -1.44 20.78
N GLN A 120 12.85 -0.67 21.42
CA GLN A 120 13.20 -0.13 22.73
C GLN A 120 13.42 -1.23 23.80
N PRO A 121 12.44 -2.14 24.00
CA PRO A 121 12.70 -3.09 25.10
C PRO A 121 13.88 -4.03 24.85
N LEU A 122 14.30 -4.12 23.60
CA LEU A 122 15.38 -5.04 23.19
C LEU A 122 16.75 -4.39 23.17
N TYR A 123 16.77 -3.07 23.30
CA TYR A 123 17.93 -2.27 22.92
C TYR A 123 19.21 -2.62 23.72
N ASN A 124 19.09 -2.85 25.02
CA ASN A 124 20.28 -3.08 25.84
C ASN A 124 20.70 -4.56 25.91
N ASN A 125 19.86 -5.42 25.33
CA ASN A 125 20.15 -6.84 25.21
C ASN A 125 21.38 -7.18 24.35
N GLU A 126 22.53 -7.40 24.98
CA GLU A 126 23.79 -7.71 24.28
C GLU A 126 23.70 -8.82 23.22
N LYS A 127 22.63 -9.60 23.25
CA LYS A 127 22.54 -10.79 22.41
C LYS A 127 21.79 -10.56 21.11
N VAL A 128 21.07 -9.44 21.04
CA VAL A 128 20.13 -9.20 19.94
C VAL A 128 20.67 -8.13 18.99
N LYS A 129 20.62 -8.44 17.70
CA LYS A 129 21.10 -7.55 16.67
C LYS A 129 19.97 -7.29 15.67
N ILE A 130 19.66 -6.03 15.43
CA ILE A 130 18.76 -5.67 14.35
C ILE A 130 19.61 -5.60 13.08
N SER A 131 19.44 -6.57 12.20
CA SER A 131 20.37 -6.76 11.09
C SER A 131 19.91 -6.21 9.75
N HIS A 132 18.60 -5.92 9.62
CA HIS A 132 18.08 -5.34 8.37
C HIS A 132 16.68 -4.80 8.54
N ILE A 133 16.35 -3.77 7.77
CA ILE A 133 15.04 -3.13 7.84
C ILE A 133 14.52 -2.86 6.44
N SER A 134 13.37 -3.43 6.10
CA SER A 134 12.81 -3.21 4.78
C SER A 134 11.51 -2.42 4.92
N LEU A 135 11.45 -1.25 4.30
CA LEU A 135 10.26 -0.41 4.41
C LEU A 135 9.56 -0.33 3.07
N TYR A 136 8.23 -0.43 3.04
CA TYR A 136 7.49 -0.43 1.78
C TYR A 136 6.38 0.64 1.84
N ASP A 137 6.30 1.48 0.81
CA ASP A 137 5.21 2.45 0.74
C ASP A 137 3.82 1.81 0.95
N ASP A 138 3.06 2.39 1.86
CA ASP A 138 1.63 2.17 1.97
C ASP A 138 0.96 2.38 0.61
N GLY A 139 1.12 3.58 0.04
CA GLY A 139 0.50 3.97 -1.22
C GLY A 139 0.72 5.46 -1.47
N SER A 140 -0.36 6.19 -1.75
CA SER A 140 -0.29 7.63 -2.02
C SER A 140 0.18 8.42 -0.80
N SER A 141 -0.05 7.85 0.38
CA SER A 141 0.17 8.50 1.66
C SER A 141 1.54 9.13 1.82
N GLU A 142 2.56 8.33 1.54
CA GLU A 142 3.94 8.78 1.59
C GLU A 142 4.20 9.96 0.64
N TYR A 143 3.47 9.99 -0.48
CA TYR A 143 3.80 10.91 -1.57
C TYR A 143 3.11 12.22 -1.31
N VAL A 144 1.90 12.15 -0.77
CA VAL A 144 1.23 13.34 -0.27
C VAL A 144 2.12 14.04 0.79
N SER A 145 2.72 13.26 1.69
CA SER A 145 3.57 13.80 2.74
C SER A 145 4.84 14.46 2.22
N LEU A 146 5.48 13.82 1.25
CA LEU A 146 6.69 14.35 0.64
C LEU A 146 6.39 15.65 -0.07
N TYR A 147 5.21 15.71 -0.68
CA TYR A 147 4.78 16.89 -1.41
C TYR A 147 4.67 18.09 -0.48
N GLN A 148 4.00 17.90 0.65
CA GLN A 148 3.80 18.98 1.60
C GLN A 148 5.10 19.44 2.25
N TRP A 149 6.06 18.52 2.31
CA TRP A 149 7.34 18.78 2.97
C TRP A 149 8.43 19.27 2.00
N LYS A 150 8.26 19.04 0.71
CA LYS A 150 9.35 19.23 -0.23
C LYS A 150 9.89 20.66 -0.28
N ASP A 151 9.08 21.65 0.10
CA ASP A 151 9.52 23.05 0.07
C ASP A 151 9.81 23.61 1.46
N THR A 152 10.25 22.74 2.37
CA THR A 152 10.56 23.12 3.74
C THR A 152 12.02 23.59 3.87
N PRO A 153 12.22 24.82 4.40
CA PRO A 153 13.54 25.45 4.55
C PRO A 153 14.52 24.58 5.31
N ASN A 154 15.70 24.35 4.74
CA ASN A 154 16.75 23.58 5.39
C ASN A 154 16.28 22.18 5.83
N LYS A 155 15.66 21.44 4.92
CA LYS A 155 15.04 20.19 5.35
C LYS A 155 16.05 19.07 5.55
N ILE A 156 17.04 18.92 4.67
CA ILE A 156 17.98 17.82 4.82
C ILE A 156 18.87 18.02 6.04
N GLU A 157 19.25 19.27 6.28
CA GLU A 157 19.99 19.67 7.48
C GLU A 157 19.27 19.28 8.76
N THR A 158 17.99 19.65 8.81
CA THR A 158 17.10 19.28 9.90
C THR A 158 17.12 17.77 10.14
N LEU A 159 16.95 16.99 9.09
CA LEU A 159 16.97 15.53 9.21
C LEU A 159 18.25 15.05 9.84
N GLU A 160 19.38 15.53 9.30
CA GLU A 160 20.68 15.09 9.76
C GLU A 160 20.80 15.25 11.28
N GLY A 161 20.19 16.32 11.80
CA GLY A 161 20.26 16.64 13.21
C GLY A 161 19.28 15.87 14.06
N GLU A 162 18.32 15.22 13.42
CA GLU A 162 17.30 14.46 14.14
C GLU A 162 17.73 13.01 14.29
N VAL A 163 18.88 12.68 13.69
CA VAL A 163 19.42 11.31 13.77
C VAL A 163 19.68 10.92 15.22
N SER A 164 20.40 11.79 15.92
CA SER A 164 20.71 11.60 17.31
C SER A 164 19.43 11.52 18.12
N LEU A 165 18.42 12.27 17.70
CA LEU A 165 17.16 12.30 18.41
C LEU A 165 16.48 10.94 18.34
N LEU A 166 16.53 10.32 17.16
CA LEU A 166 15.96 8.99 16.96
C LEU A 166 16.79 7.96 17.72
N ALA A 167 18.11 8.08 17.61
CA ALA A 167 19.02 7.14 18.28
C ALA A 167 18.82 7.14 19.79
N ASN A 168 18.77 8.32 20.40
CA ASN A 168 18.57 8.46 21.83
C ASN A 168 17.19 8.00 22.23
N TYR A 169 16.21 8.34 21.40
CA TYR A 169 14.85 7.91 21.65
C TYR A 169 14.76 6.39 21.70
N LEU A 170 15.41 5.72 20.76
CA LEU A 170 15.34 4.26 20.70
C LEU A 170 16.10 3.64 21.88
N ALA A 171 17.18 4.31 22.28
CA ALA A 171 18.04 3.85 23.37
C ALA A 171 17.40 4.05 24.73
N GLY A 172 16.38 4.89 24.79
CA GLY A 172 15.68 5.13 26.05
C GLY A 172 16.46 6.04 26.98
N THR A 173 17.27 6.94 26.42
CA THR A 173 18.03 7.89 27.22
C THR A 173 17.45 9.27 27.17
N SER A 174 16.37 9.42 26.42
CA SER A 174 15.73 10.71 26.21
C SER A 174 14.28 10.45 25.81
N PRO A 175 13.34 11.26 26.33
CA PRO A 175 11.89 11.16 26.05
C PRO A 175 11.45 11.81 24.75
N ASP A 176 12.36 12.48 24.06
CA ASP A 176 11.97 13.27 22.89
C ASP A 176 12.18 12.47 21.62
N ALA A 177 11.13 12.37 20.81
CA ALA A 177 11.22 11.67 19.54
C ALA A 177 11.34 12.69 18.40
N PRO A 178 12.00 12.31 17.29
CA PRO A 178 11.94 13.19 16.13
C PRO A 178 10.52 13.35 15.63
N LYS A 179 10.11 14.58 15.34
CA LYS A 179 8.83 14.79 14.69
C LYS A 179 8.99 14.67 13.17
N GLY A 180 7.92 14.27 12.50
CA GLY A 180 7.88 14.30 11.05
C GLY A 180 8.89 13.44 10.33
N MET A 181 9.38 13.97 9.21
CA MET A 181 10.23 13.22 8.31
C MET A 181 11.43 12.57 9.00
N GLY A 182 11.94 13.19 10.04
CA GLY A 182 13.04 12.61 10.79
C GLY A 182 12.75 11.30 11.52
N ASN A 183 11.49 10.89 11.61
CA ASN A 183 11.22 9.62 12.27
C ASN A 183 10.94 8.58 11.20
N ARG A 184 11.07 9.01 9.96
CA ARG A 184 10.70 8.22 8.79
C ARG A 184 11.88 7.92 7.87
N TYR A 185 12.66 8.94 7.47
CA TYR A 185 13.76 8.73 6.53
C TYR A 185 15.18 8.76 7.17
N ASN A 186 15.25 8.48 8.47
CA ASN A 186 16.52 8.46 9.21
C ASN A 186 16.96 7.04 9.61
N TRP A 187 16.10 6.05 9.32
CA TRP A 187 16.35 4.68 9.72
C TRP A 187 17.63 4.13 9.11
N HIS A 188 17.89 4.43 7.83
CA HIS A 188 19.10 3.92 7.18
C HIS A 188 20.40 4.45 7.79
N LYS A 189 20.31 5.49 8.60
CA LYS A 189 21.50 6.03 9.27
C LYS A 189 21.87 5.20 10.50
N LEU A 190 20.90 4.47 11.06
CA LEU A 190 21.17 3.71 12.28
C LEU A 190 21.24 2.23 11.97
N TYR A 191 20.62 1.86 10.86
CA TYR A 191 20.45 0.46 10.52
C TYR A 191 20.60 0.23 9.04
N ASP A 192 20.88 -1.02 8.68
CA ASP A 192 20.93 -1.41 7.26
C ASP A 192 19.48 -1.44 6.79
N THR A 193 19.11 -0.41 6.02
CA THR A 193 17.71 -0.18 5.67
C THR A 193 17.51 0.03 4.17
N ASP A 194 16.50 -0.64 3.61
CA ASP A 194 16.05 -0.36 2.24
C ASP A 194 14.70 0.37 2.32
N TYR A 195 14.57 1.47 1.60
CA TYR A 195 13.28 2.13 1.43
C TYR A 195 12.67 1.73 0.09
N TYR A 196 11.69 0.84 0.10
CA TYR A 196 11.12 0.41 -1.16
C TYR A 196 9.99 1.33 -1.60
N PHE A 197 10.25 2.03 -2.71
CA PHE A 197 9.35 3.05 -3.27
C PHE A 197 8.43 2.50 -4.34
N LEU A 198 7.15 2.80 -4.16
CA LEU A 198 6.14 2.74 -5.20
C LEU A 198 6.63 3.36 -6.50
N ARG A 199 7.14 4.58 -6.36
CA ARG A 199 7.67 5.33 -7.49
C ARG A 199 8.96 5.99 -7.08
N GLU A 200 10.08 5.27 -7.24
CA GLU A 200 11.36 5.82 -6.83
C GLU A 200 11.67 7.07 -7.65
N ASP A 201 11.20 7.09 -8.90
CA ASP A 201 11.54 8.15 -9.85
C ASP A 201 11.03 9.52 -9.39
N TYR A 202 10.10 9.55 -8.43
CA TYR A 202 9.56 10.82 -7.94
C TYR A 202 10.66 11.67 -7.33
N LEU A 203 11.68 11.01 -6.80
CA LEU A 203 12.84 11.69 -6.25
C LEU A 203 13.63 12.38 -7.36
N ASP A 204 13.53 11.81 -8.56
CA ASP A 204 14.24 12.33 -9.71
C ASP A 204 13.46 13.43 -10.44
N VAL A 205 12.15 13.25 -10.60
CA VAL A 205 11.36 14.23 -11.33
C VAL A 205 11.15 15.50 -10.50
N GLU A 206 10.80 15.34 -9.22
CA GLU A 206 10.61 16.46 -8.33
C GLU A 206 11.97 17.02 -7.93
N ALA A 207 12.36 18.16 -8.49
CA ALA A 207 13.67 18.73 -8.21
C ALA A 207 13.77 19.24 -6.77
N ASN A 208 12.62 19.53 -6.16
CA ASN A 208 12.59 19.92 -4.75
C ASN A 208 12.94 18.76 -3.80
N LEU A 209 13.12 17.56 -4.36
CA LEU A 209 13.45 16.39 -3.56
C LEU A 209 14.72 15.71 -4.06
N HIS A 210 15.56 16.47 -4.76
CA HIS A 210 16.85 15.95 -5.20
C HIS A 210 17.78 15.76 -4.01
N ASP A 211 17.70 16.65 -3.03
CA ASP A 211 18.58 16.55 -1.86
C ASP A 211 18.19 15.40 -0.92
N LEU A 212 16.91 15.06 -0.89
CA LEU A 212 16.47 13.86 -0.18
C LEU A 212 16.99 12.63 -0.94
N ARG A 213 16.97 12.72 -2.27
CA ARG A 213 17.50 11.66 -3.11
C ARG A 213 18.97 11.38 -2.82
N ASP A 214 19.75 12.46 -2.70
CA ASP A 214 21.15 12.34 -2.31
C ASP A 214 21.28 11.79 -0.89
N TYR A 215 20.42 12.25 0.01
CA TYR A 215 20.44 11.86 1.42
C TYR A 215 20.22 10.35 1.64
N LEU A 216 19.36 9.75 0.81
CA LEU A 216 19.04 8.33 0.98
C LEU A 216 20.08 7.47 0.27
N GLY A 217 20.63 8.01 -0.81
CA GLY A 217 21.60 7.28 -1.62
C GLY A 217 21.05 5.94 -2.07
N SER A 218 21.89 4.91 -1.99
CA SER A 218 21.52 3.57 -2.41
C SER A 218 20.43 2.91 -1.55
N SER A 219 20.13 3.48 -0.38
CA SER A 219 19.13 2.87 0.49
C SER A 219 17.74 2.94 -0.14
N ALA A 220 17.54 3.89 -1.05
CA ALA A 220 16.27 4.00 -1.76
C ALA A 220 16.19 3.02 -2.93
N LYS A 221 15.07 2.32 -3.01
CA LYS A 221 14.91 1.28 -4.03
C LYS A 221 13.55 1.39 -4.68
N GLN A 222 13.35 0.61 -5.73
CA GLN A 222 12.10 0.62 -6.46
C GLN A 222 11.42 -0.75 -6.36
N MET A 223 10.15 -0.73 -5.95
CA MET A 223 9.35 -1.96 -5.90
C MET A 223 9.21 -2.56 -7.29
N PRO A 224 9.42 -3.86 -7.39
CA PRO A 224 9.18 -4.66 -8.59
C PRO A 224 7.75 -5.16 -8.65
N TRP A 225 7.23 -5.36 -9.85
CA TRP A 225 5.84 -5.78 -9.98
C TRP A 225 5.73 -7.19 -10.52
N ASP A 226 6.86 -7.79 -10.89
CA ASP A 226 6.79 -9.05 -11.66
C ASP A 226 7.41 -10.25 -10.94
N GLU A 227 7.53 -10.17 -9.62
CA GLU A 227 8.08 -11.28 -8.85
C GLU A 227 7.17 -12.50 -8.90
N PHE A 228 5.87 -12.25 -8.91
CA PHE A 228 4.86 -13.31 -8.87
C PHE A 228 5.06 -14.32 -10.01
N ALA A 229 5.40 -13.80 -11.19
CA ALA A 229 5.61 -14.62 -12.37
C ALA A 229 6.85 -15.52 -12.23
N LYS A 230 7.78 -15.17 -11.36
CA LYS A 230 9.01 -15.94 -11.23
C LYS A 230 8.96 -16.99 -10.12
N LEU A 231 7.84 -17.06 -9.41
CA LEU A 231 7.54 -18.16 -8.50
C LEU A 231 7.08 -19.37 -9.31
N SER A 232 7.19 -20.55 -8.74
CA SER A 232 6.66 -21.73 -9.40
C SER A 232 5.15 -21.75 -9.30
N ASP A 233 4.52 -22.57 -10.14
CA ASP A 233 3.07 -22.75 -10.15
C ASP A 233 2.53 -22.98 -8.75
N SER A 234 3.26 -23.79 -7.99
CA SER A 234 2.86 -24.19 -6.64
C SER A 234 2.98 -23.04 -5.65
N GLN A 235 4.02 -22.24 -5.82
CA GLN A 235 4.20 -21.02 -5.04
C GLN A 235 3.16 -19.92 -5.38
N GLN A 236 2.75 -19.86 -6.65
CA GLN A 236 1.73 -18.88 -7.11
C GLN A 236 0.34 -19.22 -6.58
N THR A 237 0.01 -20.50 -6.62
CA THR A 237 -1.22 -21.04 -6.02
C THR A 237 -1.35 -20.66 -4.53
N LEU A 238 -0.31 -20.92 -3.76
CA LEU A 238 -0.26 -20.54 -2.36
C LEU A 238 -0.45 -19.03 -2.21
N PHE A 239 0.28 -18.24 -3.01
CA PHE A 239 0.20 -16.78 -2.95
C PHE A 239 -1.25 -16.35 -3.13
N LEU A 240 -1.86 -16.89 -4.18
CA LEU A 240 -3.24 -16.57 -4.55
C LEU A 240 -4.24 -17.07 -3.52
N ASP A 241 -3.93 -18.20 -2.89
CA ASP A 241 -4.81 -18.75 -1.87
C ASP A 241 -4.85 -17.81 -0.67
N ILE A 242 -3.67 -17.43 -0.20
CA ILE A 242 -3.53 -16.53 0.94
C ILE A 242 -4.24 -15.17 0.75
N VAL A 243 -4.15 -14.62 -0.47
CA VAL A 243 -4.77 -13.32 -0.79
C VAL A 243 -6.20 -13.46 -1.31
N GLY A 244 -6.59 -14.68 -1.67
CA GLY A 244 -7.96 -14.98 -2.01
C GLY A 244 -8.37 -14.51 -3.39
N PHE A 245 -7.44 -14.60 -4.34
CA PHE A 245 -7.70 -14.17 -5.72
C PHE A 245 -7.87 -15.39 -6.63
N ASP A 246 -9.08 -15.66 -7.10
CA ASP A 246 -9.25 -16.73 -8.06
C ASP A 246 -8.86 -16.16 -9.42
N LYS A 247 -7.57 -16.27 -9.71
CA LYS A 247 -6.99 -15.66 -10.90
C LYS A 247 -7.51 -16.31 -12.18
N GLU A 248 -7.56 -17.64 -12.20
CA GLU A 248 -8.02 -18.34 -13.39
C GLU A 248 -9.45 -17.93 -13.72
N GLN A 249 -10.23 -17.69 -12.68
CA GLN A 249 -11.62 -17.30 -12.87
C GLN A 249 -11.70 -15.98 -13.60
N LEU A 250 -11.00 -14.97 -13.08
CA LEU A 250 -11.02 -13.65 -13.69
C LEU A 250 -10.50 -13.71 -15.13
N GLN A 251 -9.47 -14.52 -15.39
CA GLN A 251 -8.94 -14.69 -16.75
C GLN A 251 -10.02 -15.22 -17.66
N GLN A 252 -10.89 -16.06 -17.10
CA GLN A 252 -11.98 -16.65 -17.86
C GLN A 252 -13.00 -15.57 -18.14
N GLN A 253 -13.31 -14.79 -17.10
CA GLN A 253 -14.32 -13.76 -17.20
C GLN A 253 -13.93 -12.65 -18.21
N TYR A 254 -12.67 -12.22 -18.16
CA TYR A 254 -12.13 -11.32 -19.17
C TYR A 254 -12.45 -11.77 -20.60
N SER A 255 -12.47 -13.08 -20.84
CA SER A 255 -12.61 -13.61 -22.20
C SER A 255 -14.01 -14.07 -22.56
N GLN A 256 -14.96 -13.97 -21.63
CA GLN A 256 -16.35 -14.31 -21.92
C GLN A 256 -16.86 -13.47 -23.09
N SER A 257 -16.33 -12.26 -23.23
CA SER A 257 -16.62 -11.45 -24.40
C SER A 257 -15.31 -10.92 -24.99
N PRO A 258 -15.27 -10.72 -26.32
CA PRO A 258 -14.06 -10.22 -26.97
C PRO A 258 -13.81 -8.70 -26.83
N LEU A 259 -14.74 -7.96 -26.25
CA LEU A 259 -14.56 -6.52 -26.00
C LEU A 259 -13.57 -6.27 -24.86
N PRO A 260 -12.79 -5.17 -24.94
CA PRO A 260 -11.81 -4.86 -23.89
C PRO A 260 -12.46 -4.68 -22.52
N ASN A 261 -11.66 -4.79 -21.45
CA ASN A 261 -12.22 -4.89 -20.10
C ASN A 261 -11.96 -3.67 -19.23
N PHE A 262 -13.03 -3.23 -18.57
CA PHE A 262 -13.02 -2.03 -17.76
C PHE A 262 -13.38 -2.36 -16.31
N ILE A 263 -12.47 -2.03 -15.38
CA ILE A 263 -12.80 -2.10 -13.96
C ILE A 263 -13.12 -0.71 -13.41
N PHE A 264 -14.32 -0.57 -12.85
CA PHE A 264 -14.66 0.61 -12.07
C PHE A 264 -14.34 0.31 -10.61
N THR A 265 -13.46 1.11 -10.02
CA THR A 265 -13.10 0.91 -8.62
C THR A 265 -14.05 1.72 -7.74
N GLY A 266 -14.78 1.02 -6.86
CA GLY A 266 -15.71 1.67 -5.94
C GLY A 266 -15.14 2.13 -4.60
N THR A 267 -15.82 3.10 -3.99
CA THR A 267 -15.51 3.60 -2.64
C THR A 267 -16.67 3.33 -1.68
N THR A 268 -16.49 3.63 -0.40
CA THR A 268 -17.58 3.58 0.58
C THR A 268 -17.96 5.02 0.95
N THR A 269 -18.92 5.18 1.86
CA THR A 269 -19.51 6.49 2.18
C THR A 269 -18.53 7.63 2.44
N TRP A 270 -18.72 8.77 1.78
CA TRP A 270 -17.84 9.92 1.98
C TRP A 270 -18.57 11.05 2.71
N ALA A 271 -18.13 12.29 2.48
CA ALA A 271 -18.63 13.45 3.24
C ALA A 271 -20.09 13.74 2.92
N GLY A 272 -20.82 14.24 3.90
CA GLY A 272 -22.23 14.55 3.75
C GLY A 272 -23.12 13.75 4.69
N GLY A 273 -22.73 12.51 4.96
CA GLY A 273 -23.48 11.65 5.86
C GLY A 273 -24.86 11.32 5.34
N GLU A 274 -24.91 10.70 4.16
CA GLU A 274 -26.18 10.23 3.60
C GLU A 274 -26.28 8.72 3.76
N THR A 275 -27.40 8.16 3.33
CA THR A 275 -27.80 6.80 3.73
C THR A 275 -27.02 5.62 3.11
N LYS A 276 -25.78 5.86 2.68
CA LYS A 276 -24.98 4.84 1.95
C LYS A 276 -25.62 4.49 0.59
N GLU A 277 -26.94 4.38 0.55
CA GLU A 277 -27.67 4.17 -0.70
C GLU A 277 -27.45 5.33 -1.65
N TYR A 278 -27.38 6.54 -1.11
CA TYR A 278 -27.17 7.76 -1.90
C TYR A 278 -25.81 7.74 -2.57
N TYR A 279 -24.85 7.12 -1.92
CA TYR A 279 -23.47 7.09 -2.43
C TYR A 279 -23.31 6.03 -3.51
N ALA A 280 -24.05 4.94 -3.38
CA ALA A 280 -24.11 3.92 -4.43
C ALA A 280 -24.76 4.50 -5.69
N GLN A 281 -25.86 5.22 -5.50
CA GLN A 281 -26.57 5.81 -6.64
C GLN A 281 -25.66 6.71 -7.44
N GLN A 282 -24.84 7.50 -6.74
CA GLN A 282 -23.97 8.45 -7.40
C GLN A 282 -22.89 7.74 -8.21
N GLN A 283 -22.36 6.64 -7.68
CA GLN A 283 -21.35 5.89 -8.41
C GLN A 283 -21.98 5.24 -9.63
N VAL A 284 -23.22 4.80 -9.49
CA VAL A 284 -23.98 4.25 -10.61
C VAL A 284 -24.12 5.29 -11.71
N ASN A 285 -24.31 6.53 -11.31
CA ASN A 285 -24.39 7.62 -12.27
C ASN A 285 -23.05 7.88 -12.94
N VAL A 286 -21.96 7.67 -12.21
CA VAL A 286 -20.64 7.81 -12.80
C VAL A 286 -20.41 6.74 -13.84
N ILE A 287 -20.78 5.51 -13.49
CA ILE A 287 -20.73 4.39 -14.42
C ILE A 287 -21.58 4.67 -15.65
N ASN A 288 -22.74 5.28 -15.45
CA ASN A 288 -23.64 5.60 -16.56
C ASN A 288 -23.08 6.70 -17.45
N ASN A 289 -22.43 7.67 -16.85
CA ASN A 289 -21.74 8.70 -17.61
C ASN A 289 -20.54 8.11 -18.35
N ALA A 290 -19.90 7.13 -17.74
CA ALA A 290 -18.69 6.54 -18.30
C ALA A 290 -18.96 5.71 -19.56
N ILE A 291 -20.17 5.19 -19.68
CA ILE A 291 -20.61 4.47 -20.88
C ILE A 291 -21.07 5.44 -21.99
N ASN A 292 -21.79 6.47 -21.55
CA ASN A 292 -22.42 7.44 -22.46
C ASN A 292 -21.47 8.05 -23.48
N GLU A 293 -21.86 8.00 -24.75
CA GLU A 293 -21.06 8.57 -25.84
C GLU A 293 -20.88 10.08 -25.69
N THR A 294 -21.82 10.70 -24.98
CA THR A 294 -21.94 12.16 -24.98
C THR A 294 -21.38 12.82 -23.73
N SER A 295 -20.77 12.03 -22.85
CA SER A 295 -20.24 12.57 -21.61
C SER A 295 -18.74 12.78 -21.70
N PRO A 296 -18.22 13.83 -21.04
CA PRO A 296 -16.78 14.04 -20.90
C PRO A 296 -16.13 12.95 -20.06
N TYR A 297 -16.97 12.08 -19.51
CA TYR A 297 -16.56 10.89 -18.76
C TYR A 297 -16.33 9.68 -19.64
N TYR A 298 -16.72 9.77 -20.89
CA TYR A 298 -16.67 8.63 -21.81
C TYR A 298 -15.29 7.96 -21.92
N LEU A 299 -15.29 6.63 -21.82
CA LEU A 299 -14.05 5.87 -21.72
C LEU A 299 -13.24 5.83 -23.02
N GLY A 300 -13.90 5.97 -24.17
CA GLY A 300 -13.20 5.99 -25.44
C GLY A 300 -13.83 5.06 -26.47
N LYS A 301 -14.09 3.83 -26.04
CA LYS A 301 -14.75 2.83 -26.88
C LYS A 301 -15.61 1.89 -26.03
N ASP A 302 -16.22 0.89 -26.67
CA ASP A 302 -17.01 -0.10 -25.94
C ASP A 302 -16.12 -1.03 -25.15
N TYR A 303 -16.47 -1.24 -23.88
CA TYR A 303 -15.75 -2.16 -22.98
C TYR A 303 -16.73 -3.11 -22.31
N ASP A 304 -16.24 -4.26 -21.82
CA ASP A 304 -17.02 -5.10 -20.93
C ASP A 304 -16.97 -4.55 -19.52
N LEU A 305 -18.07 -4.68 -18.77
CA LEU A 305 -18.13 -4.08 -17.44
C LEU A 305 -17.65 -5.01 -16.33
N PHE A 306 -16.70 -4.53 -15.55
CA PHE A 306 -16.27 -5.19 -14.31
C PHE A 306 -16.32 -4.23 -13.13
N PHE A 307 -16.39 -4.79 -11.92
CA PHE A 307 -16.47 -4.00 -10.71
C PHE A 307 -15.66 -4.59 -9.56
N LYS A 308 -14.76 -3.78 -9.00
CA LYS A 308 -14.11 -4.10 -7.75
C LYS A 308 -14.43 -3.00 -6.74
N GLY A 309 -15.25 -3.32 -5.74
CA GLY A 309 -15.64 -2.35 -4.74
C GLY A 309 -14.74 -2.25 -3.52
N HIS A 310 -15.03 -1.25 -2.69
CA HIS A 310 -14.36 -1.09 -1.42
C HIS A 310 -14.72 -2.27 -0.51
N PRO A 311 -13.75 -2.78 0.28
CA PRO A 311 -14.05 -3.93 1.15
C PRO A 311 -15.12 -3.65 2.22
N ALA A 312 -15.42 -2.39 2.49
CA ALA A 312 -16.46 -2.06 3.44
C ALA A 312 -17.69 -1.44 2.76
N GLY A 313 -17.71 -1.48 1.44
CA GLY A 313 -18.83 -0.94 0.68
C GLY A 313 -20.15 -1.57 1.09
N GLY A 314 -20.13 -2.87 1.39
CA GLY A 314 -21.33 -3.55 1.84
C GLY A 314 -22.49 -3.40 0.88
N VAL A 315 -23.51 -2.66 1.31
CA VAL A 315 -24.71 -2.45 0.51
C VAL A 315 -24.50 -1.44 -0.61
N ILE A 316 -23.39 -0.73 -0.59
CA ILE A 316 -23.04 0.10 -1.74
C ILE A 316 -22.73 -0.79 -2.95
N ASN A 317 -21.84 -1.75 -2.72
CA ASN A 317 -21.46 -2.71 -3.76
C ASN A 317 -22.61 -3.53 -4.34
N ASP A 318 -23.57 -3.85 -3.48
CA ASP A 318 -24.71 -4.66 -3.88
C ASP A 318 -25.57 -3.90 -4.87
N ILE A 319 -25.87 -2.64 -4.55
CA ILE A 319 -26.71 -1.81 -5.39
C ILE A 319 -26.03 -1.50 -6.72
N ILE A 320 -24.73 -1.29 -6.68
CA ILE A 320 -23.97 -1.01 -7.90
C ILE A 320 -24.08 -2.17 -8.87
N LEU A 321 -23.94 -3.39 -8.34
CA LEU A 321 -24.08 -4.61 -9.14
C LEU A 321 -25.52 -4.90 -9.52
N GLY A 322 -26.46 -4.49 -8.69
CA GLY A 322 -27.87 -4.71 -8.98
C GLY A 322 -28.35 -3.78 -10.06
N SER A 323 -27.46 -2.87 -10.47
CA SER A 323 -27.77 -1.87 -11.49
C SER A 323 -27.27 -2.29 -12.88
N PHE A 324 -26.31 -3.21 -12.93
CA PHE A 324 -25.71 -3.60 -14.20
C PHE A 324 -25.67 -5.11 -14.40
N PRO A 325 -26.73 -5.65 -15.01
CA PRO A 325 -27.02 -7.07 -15.19
C PRO A 325 -25.83 -7.85 -15.74
N ASP A 326 -25.11 -7.24 -16.68
CA ASP A 326 -24.00 -7.90 -17.34
C ASP A 326 -22.64 -7.61 -16.69
N MET A 327 -22.59 -6.62 -15.81
CA MET A 327 -21.39 -6.35 -15.04
C MET A 327 -20.95 -7.57 -14.22
N ILE A 328 -19.63 -7.74 -14.05
CA ILE A 328 -19.05 -8.88 -13.35
C ILE A 328 -18.27 -8.44 -12.12
N ASN A 329 -18.53 -9.07 -10.98
CA ASN A 329 -17.93 -8.67 -9.72
C ASN A 329 -16.53 -9.24 -9.45
N ILE A 330 -15.64 -8.39 -8.99
CA ILE A 330 -14.37 -8.85 -8.44
C ILE A 330 -14.44 -8.70 -6.93
N PRO A 331 -14.26 -9.80 -6.20
CA PRO A 331 -14.47 -9.86 -4.74
C PRO A 331 -13.83 -8.68 -4.00
N ALA A 332 -14.67 -7.91 -3.30
CA ALA A 332 -14.25 -6.62 -2.74
C ALA A 332 -13.13 -6.72 -1.70
N LYS A 333 -13.08 -7.81 -0.94
CA LYS A 333 -12.14 -7.89 0.18
C LYS A 333 -10.70 -8.08 -0.31
N ILE A 334 -10.54 -8.37 -1.58
CA ILE A 334 -9.23 -8.45 -2.19
C ILE A 334 -8.53 -7.10 -2.17
N SER A 335 -7.23 -7.11 -1.90
CA SER A 335 -6.38 -5.94 -2.10
C SER A 335 -6.24 -5.70 -3.59
N PHE A 336 -6.86 -4.63 -4.10
CA PHE A 336 -6.81 -4.32 -5.53
C PHE A 336 -5.40 -4.37 -6.12
N GLU A 337 -4.39 -3.99 -5.33
CA GLU A 337 -3.01 -4.06 -5.76
C GLU A 337 -2.55 -5.47 -6.18
N VAL A 338 -3.30 -6.50 -5.78
CA VAL A 338 -2.98 -7.85 -6.24
C VAL A 338 -2.96 -7.90 -7.78
N LEU A 339 -3.90 -7.20 -8.43
CA LEU A 339 -4.09 -7.28 -9.89
C LEU A 339 -2.82 -6.91 -10.65
N MET A 340 -2.37 -5.69 -10.43
CA MET A 340 -1.13 -5.18 -11.00
C MET A 340 0.05 -6.14 -10.82
N MET A 341 0.08 -6.86 -9.69
CA MET A 341 1.21 -7.70 -9.34
C MET A 341 1.15 -9.07 -9.97
N THR A 342 -0.02 -9.45 -10.46
CA THR A 342 -0.20 -10.77 -11.05
C THR A 342 -0.62 -10.66 -12.49
N ASP A 343 -0.36 -9.49 -13.07
CA ASP A 343 -0.68 -9.19 -14.47
C ASP A 343 -2.15 -9.30 -14.80
N MET A 344 -3.00 -9.04 -13.83
CA MET A 344 -4.44 -9.18 -14.03
C MET A 344 -5.18 -7.84 -14.09
N LEU A 345 -4.46 -6.74 -14.27
CA LEU A 345 -5.09 -5.45 -14.55
C LEU A 345 -5.83 -5.50 -15.88
N PRO A 346 -6.98 -4.83 -15.97
CA PRO A 346 -7.74 -4.86 -17.21
C PRO A 346 -7.17 -3.89 -18.23
N ASP A 347 -7.93 -3.59 -19.28
CA ASP A 347 -7.47 -2.65 -20.30
C ASP A 347 -7.57 -1.22 -19.80
N THR A 348 -8.65 -0.90 -19.09
CA THR A 348 -8.82 0.45 -18.56
C THR A 348 -9.48 0.42 -17.18
N VAL A 349 -9.07 1.36 -16.32
CA VAL A 349 -9.61 1.46 -14.96
C VAL A 349 -10.07 2.91 -14.68
N ALA A 350 -11.16 3.05 -13.93
CA ALA A 350 -11.65 4.38 -13.59
C ALA A 350 -12.47 4.34 -12.31
N GLY A 351 -12.49 5.45 -11.59
CA GLY A 351 -13.23 5.54 -10.36
C GLY A 351 -12.84 6.75 -9.52
N ILE A 352 -13.44 6.84 -8.35
CA ILE A 352 -13.10 7.88 -7.40
C ILE A 352 -11.65 7.72 -6.95
N ALA A 353 -10.91 8.83 -6.96
CA ALA A 353 -9.49 8.82 -6.60
C ALA A 353 -9.27 8.12 -5.28
N SER A 354 -8.23 7.29 -5.26
CA SER A 354 -7.80 6.58 -4.06
C SER A 354 -6.35 6.14 -4.29
N SER A 355 -5.77 5.53 -3.26
CA SER A 355 -4.37 5.12 -3.27
C SER A 355 -4.06 4.09 -4.37
N LEU A 356 -5.06 3.28 -4.74
CA LEU A 356 -4.96 2.28 -5.80
C LEU A 356 -4.33 2.79 -7.08
N TYR A 357 -4.67 4.04 -7.41
CA TYR A 357 -4.29 4.64 -8.67
C TYR A 357 -2.82 5.03 -8.68
N PHE A 358 -2.12 4.81 -7.58
CA PHE A 358 -0.70 5.08 -7.57
C PHE A 358 0.08 3.90 -8.08
N THR A 359 -0.60 2.76 -8.26
CA THR A 359 0.13 1.58 -8.70
C THR A 359 -0.38 1.05 -10.04
N ILE A 360 -1.08 1.92 -10.77
CA ILE A 360 -1.65 1.59 -12.07
C ILE A 360 -0.99 2.39 -13.21
N PRO A 361 -0.47 1.69 -14.24
CA PRO A 361 0.04 2.25 -15.50
C PRO A 361 -0.85 3.33 -16.12
N ALA A 362 -0.26 4.48 -16.42
CA ALA A 362 -0.97 5.67 -16.86
C ALA A 362 -1.96 5.44 -18.01
N ASP A 363 -1.62 4.55 -18.94
CA ASP A 363 -2.53 4.37 -20.06
C ASP A 363 -3.58 3.31 -19.73
N LYS A 364 -3.51 2.75 -18.53
CA LYS A 364 -4.61 1.93 -18.01
C LYS A 364 -5.54 2.73 -17.09
N VAL A 365 -5.13 3.95 -16.72
CA VAL A 365 -5.99 4.86 -15.96
C VAL A 365 -6.80 5.75 -16.89
N ASN A 366 -8.11 5.57 -16.92
CA ASN A 366 -8.95 6.32 -17.85
C ASN A 366 -9.27 7.70 -17.29
N PHE A 367 -9.81 7.72 -16.07
CA PHE A 367 -10.01 8.98 -15.35
C PHE A 367 -10.24 8.74 -13.86
N ILE A 368 -10.13 9.81 -13.07
CA ILE A 368 -10.42 9.74 -11.64
C ILE A 368 -11.40 10.85 -11.25
N VAL A 369 -12.20 10.61 -10.22
CA VAL A 369 -13.17 11.62 -9.81
C VAL A 369 -12.96 12.07 -8.36
N PHE A 370 -13.32 13.33 -8.09
CA PHE A 370 -13.31 13.88 -6.75
C PHE A 370 -14.69 14.34 -6.30
N THR A 371 -14.92 14.26 -5.00
CA THR A 371 -16.24 14.48 -4.43
C THR A 371 -16.47 15.92 -3.98
N SER A 372 -17.33 16.08 -2.99
CA SER A 372 -17.61 17.39 -2.41
C SER A 372 -17.35 17.32 -0.91
N SER A 373 -17.11 18.47 -0.32
CA SER A 373 -16.86 18.55 1.10
C SER A 373 -16.86 20.00 1.55
N ASP A 374 -16.71 20.21 2.84
CA ASP A 374 -16.49 21.54 3.37
C ASP A 374 -14.99 21.89 3.25
N THR A 375 -14.20 20.96 2.72
CA THR A 375 -12.78 21.24 2.50
C THR A 375 -12.47 21.44 1.01
N ILE A 376 -13.05 20.64 0.14
CA ILE A 376 -12.81 20.76 -1.29
C ILE A 376 -14.12 21.00 -2.06
N THR A 377 -14.30 22.25 -2.47
CA THR A 377 -15.61 22.78 -2.83
C THR A 377 -15.79 23.14 -4.32
N ASP A 378 -14.74 23.00 -5.11
CA ASP A 378 -14.79 23.26 -6.55
C ASP A 378 -13.66 22.51 -7.22
N ARG A 379 -13.63 22.49 -8.55
CA ARG A 379 -12.61 21.74 -9.30
C ARG A 379 -11.20 22.30 -9.09
N GLU A 380 -11.08 23.62 -9.11
CA GLU A 380 -9.82 24.31 -8.91
C GLU A 380 -9.08 23.87 -7.64
N GLU A 381 -9.81 23.77 -6.54
CA GLU A 381 -9.23 23.36 -5.27
C GLU A 381 -8.86 21.87 -5.31
N ALA A 382 -9.62 21.08 -6.06
CA ALA A 382 -9.33 19.66 -6.18
C ALA A 382 -8.06 19.45 -6.98
N LEU A 383 -7.84 20.28 -8.00
CA LEU A 383 -6.67 20.16 -8.85
C LEU A 383 -5.40 20.55 -8.12
N LYS A 384 -5.53 21.28 -7.02
CA LYS A 384 -4.35 21.75 -6.30
C LYS A 384 -4.11 20.97 -5.01
N SER A 385 -4.95 19.98 -4.76
CA SER A 385 -4.69 19.12 -3.64
C SER A 385 -3.38 18.40 -3.89
N PRO A 386 -2.63 18.12 -2.82
CA PRO A 386 -1.38 17.36 -2.92
C PRO A 386 -1.51 16.07 -3.73
N LEU A 387 -2.66 15.42 -3.61
CA LEU A 387 -2.87 14.12 -4.23
C LEU A 387 -2.88 14.25 -5.75
N VAL A 388 -3.65 15.21 -6.24
CA VAL A 388 -3.70 15.49 -7.68
C VAL A 388 -2.37 16.01 -8.21
N GLN A 389 -1.80 17.00 -7.55
CA GLN A 389 -0.53 17.54 -7.99
C GLN A 389 0.55 16.47 -8.14
N VAL A 390 0.60 15.50 -7.22
CA VAL A 390 1.60 14.44 -7.34
C VAL A 390 1.31 13.52 -8.52
N MET A 391 0.04 13.14 -8.71
CA MET A 391 -0.32 12.27 -9.83
C MET A 391 -0.03 12.95 -11.16
N LEU A 392 -0.20 14.26 -11.20
CA LEU A 392 0.12 15.03 -12.40
C LEU A 392 1.62 14.99 -12.65
N THR A 393 2.37 15.21 -11.58
CA THR A 393 3.82 15.28 -11.66
C THR A 393 4.42 13.93 -12.07
N LEU A 394 3.88 12.85 -11.51
CA LEU A 394 4.37 11.52 -11.84
C LEU A 394 3.91 11.02 -13.22
N GLY A 395 2.96 11.72 -13.84
CA GLY A 395 2.52 11.39 -15.19
C GLY A 395 1.34 10.42 -15.25
N ILE A 396 0.76 10.12 -14.10
CA ILE A 396 -0.34 9.15 -13.99
C ILE A 396 -1.62 9.55 -14.71
N VAL A 397 -2.06 10.79 -14.49
CA VAL A 397 -3.15 11.39 -15.28
C VAL A 397 -2.73 12.78 -15.76
N LYS A 398 -3.47 13.30 -16.74
CA LYS A 398 -3.41 14.71 -17.11
C LYS A 398 -4.66 15.38 -16.57
N GLU A 399 -4.63 16.71 -16.50
CA GLU A 399 -5.64 17.44 -15.74
C GLU A 399 -7.03 17.23 -16.31
N LYS A 400 -7.12 17.04 -17.63
CA LYS A 400 -8.41 16.84 -18.30
C LYS A 400 -9.03 15.52 -17.86
N ASP A 401 -8.20 14.62 -17.34
CA ASP A 401 -8.62 13.29 -16.99
C ASP A 401 -8.93 13.24 -15.50
N VAL A 402 -8.71 14.36 -14.84
CA VAL A 402 -9.14 14.56 -13.46
C VAL A 402 -10.50 15.23 -13.48
N LEU A 403 -11.49 14.63 -12.85
CA LEU A 403 -12.86 15.16 -12.93
C LEU A 403 -13.47 15.44 -11.56
N PHE A 404 -14.41 16.38 -11.49
CA PHE A 404 -14.96 16.83 -10.21
C PHE A 404 -16.48 16.62 -10.11
N TRP A 405 -16.95 16.19 -8.93
CA TRP A 405 -18.35 15.80 -8.71
C TRP A 405 -19.09 16.70 -7.72
N ALA A 406 -20.40 16.49 -7.56
CA ALA A 406 -21.20 17.27 -6.62
C ALA A 406 -21.58 16.47 -5.38
#